data_3VTQ
#
_entry.id   3VTQ
#
_cell.length_a   41.990
_cell.length_b   47.858
_cell.length_c   109.891
_cell.angle_alpha   90.00
_cell.angle_beta   90.00
_cell.angle_gamma   90.00
#
_symmetry.space_group_name_H-M   'P 21 21 21'
#
loop_
_entity.id
_entity.type
_entity.pdbx_description
1 polymer 'Envelope glycoprotein gp160'
2 polymer 'fusion inhibitor MT-Sifuvirtide'
3 water water
#
loop_
_entity_poly.entity_id
_entity_poly.type
_entity_poly.pdbx_seq_one_letter_code
_entity_poly.pdbx_strand_id
1 'polypeptide(L)' (ACE)SGIVQQQNNLLRAIEAQQHLLQLTVWGIKQLQARIL(NH2) E,A,B
2 'polypeptide(L)' (ACE)MTWETWEREIENYTKQIYKILEESQEQQDRNEKDLLE(NH2) D,C,F
#
loop_
_chem_comp.id
_chem_comp.type
_chem_comp.name
_chem_comp.formula
ACE non-polymer 'ACETYL GROUP' 'C2 H4 O'
NH2 non-polymer 'AMINO GROUP' 'H2 N'
#
# COMPACT_ATOMS: atom_id res chain seq x y z
C ACE A 1 13.42 11.54 15.31
O ACE A 1 12.59 11.11 14.52
CH3 ACE A 1 13.30 11.25 16.81
N SER A 2 14.47 12.28 14.95
CA SER A 2 14.69 12.74 13.59
C SER A 2 14.59 11.64 12.53
N GLY A 3 15.33 10.55 12.75
CA GLY A 3 15.40 9.46 11.81
C GLY A 3 14.07 8.75 11.68
N ILE A 4 13.34 8.61 12.78
CA ILE A 4 12.03 7.95 12.74
C ILE A 4 11.02 8.82 11.98
N VAL A 5 10.98 10.11 12.30
CA VAL A 5 10.07 11.03 11.63
C VAL A 5 10.38 11.08 10.12
N GLN A 6 11.66 11.05 9.77
CA GLN A 6 12.02 11.07 8.35
C GLN A 6 11.60 9.78 7.64
N GLN A 7 11.70 8.65 8.33
CA GLN A 7 11.27 7.35 7.80
CA GLN A 7 11.29 7.41 7.72
C GLN A 7 9.77 7.35 7.59
N GLN A 8 9.05 7.94 8.54
CA GLN A 8 7.59 8.05 8.40
C GLN A 8 7.19 8.87 7.18
N ASN A 9 7.93 9.93 6.90
CA ASN A 9 7.74 10.68 5.68
C ASN A 9 7.90 9.77 4.45
N ASN A 10 8.93 8.95 4.43
CA ASN A 10 9.16 8.12 3.27
C ASN A 10 8.13 7.01 3.13
N LEU A 11 7.72 6.41 4.24
CA LEU A 11 6.66 5.41 4.15
C LEU A 11 5.38 6.03 3.60
N LEU A 12 5.06 7.24 4.05
CA LEU A 12 3.89 7.94 3.56
C LEU A 12 4.02 8.21 2.06
N ARG A 13 5.20 8.61 1.61
CA ARG A 13 5.42 8.81 0.18
CA ARG A 13 5.42 8.81 0.18
C ARG A 13 5.23 7.52 -0.61
N ALA A 14 5.71 6.40 -0.07
CA ALA A 14 5.54 5.10 -0.72
C ALA A 14 4.06 4.76 -0.83
N ILE A 15 3.32 4.96 0.26
CA ILE A 15 1.87 4.69 0.29
C ILE A 15 1.14 5.58 -0.72
N GLU A 16 1.56 6.84 -0.82
CA GLU A 16 0.97 7.76 -1.80
C GLU A 16 1.22 7.31 -3.23
N ALA A 17 2.43 6.82 -3.52
CA ALA A 17 2.75 6.32 -4.86
C ALA A 17 1.93 5.07 -5.13
N GLN A 18 1.80 4.21 -4.13
CA GLN A 18 1.02 2.99 -4.31
C GLN A 18 -0.43 3.31 -4.57
N GLN A 19 -0.93 4.40 -3.99
CA GLN A 19 -2.31 4.82 -4.25
C GLN A 19 -2.48 5.17 -5.72
N HIS A 20 -1.47 5.80 -6.31
CA HIS A 20 -1.49 6.10 -7.74
C HIS A 20 -1.57 4.81 -8.56
N LEU A 21 -0.74 3.83 -8.21
CA LEU A 21 -0.79 2.54 -8.90
C LEU A 21 -2.14 1.87 -8.74
N LEU A 22 -2.71 1.94 -7.55
CA LEU A 22 -4.01 1.30 -7.31
C LEU A 22 -5.05 1.93 -8.22
N GLN A 23 -5.07 3.25 -8.28
CA GLN A 23 -6.06 3.92 -9.12
C GLN A 23 -5.83 3.64 -10.61
N LEU A 24 -4.58 3.45 -11.03
CA LEU A 24 -4.31 3.04 -12.41
C LEU A 24 -4.88 1.65 -12.66
N THR A 25 -4.73 0.73 -11.70
CA THR A 25 -5.26 -0.60 -11.92
C THR A 25 -6.80 -0.58 -11.99
N VAL A 26 -7.43 0.26 -11.18
CA VAL A 26 -8.87 0.46 -11.27
C VAL A 26 -9.29 0.96 -12.67
N TRP A 27 -8.56 1.93 -13.20
CA TRP A 27 -8.82 2.43 -14.56
C TRP A 27 -8.80 1.29 -15.56
N GLY A 28 -7.77 0.46 -15.49
CA GLY A 28 -7.62 -0.64 -16.43
C GLY A 28 -8.78 -1.61 -16.34
N ILE A 29 -9.17 -1.97 -15.14
CA ILE A 29 -10.28 -2.88 -14.94
C ILE A 29 -11.57 -2.28 -15.50
N LYS A 30 -11.82 -1.01 -15.22
CA LYS A 30 -13.02 -0.34 -15.71
C LYS A 30 -13.05 -0.32 -17.25
N GLN A 31 -11.89 -0.11 -17.88
CA GLN A 31 -11.83 -0.08 -19.34
C GLN A 31 -12.19 -1.43 -19.92
N LEU A 32 -11.70 -2.49 -19.29
CA LEU A 32 -11.98 -3.84 -19.77
C LEU A 32 -13.44 -4.20 -19.54
N GLN A 33 -13.97 -3.78 -18.39
CA GLN A 33 -15.35 -4.09 -18.01
C GLN A 33 -16.32 -3.47 -18.99
N ALA A 34 -16.06 -2.22 -19.35
CA ALA A 34 -16.92 -1.46 -20.25
C ALA A 34 -16.88 -2.08 -21.63
N ARG A 35 -15.70 -2.54 -22.01
CA ARG A 35 -15.51 -3.14 -23.31
C ARG A 35 -16.41 -4.37 -23.49
N ILE A 36 -16.44 -5.23 -22.49
CA ILE A 36 -17.08 -6.53 -22.65
C ILE A 36 -18.50 -6.62 -22.07
N LEU A 37 -19.07 -5.48 -21.65
CA LEU A 37 -20.42 -5.50 -21.09
C LEU A 37 -21.50 -5.66 -22.15
C ACE B 1 12.15 1.72 20.57
O ACE B 1 11.89 1.90 19.38
CH3 ACE B 1 12.14 2.88 21.55
N SER B 2 12.46 0.53 21.08
CA SER B 2 12.60 -0.65 20.24
C SER B 2 11.29 -0.96 19.53
N GLY B 3 10.19 -0.84 20.26
CA GLY B 3 8.87 -1.16 19.71
C GLY B 3 8.49 -0.27 18.56
N ILE B 4 8.84 1.02 18.66
CA ILE B 4 8.58 1.98 17.61
C ILE B 4 9.41 1.66 16.36
N VAL B 5 10.69 1.36 16.55
CA VAL B 5 11.54 0.99 15.43
C VAL B 5 11.05 -0.32 14.79
N GLN B 6 10.64 -1.29 15.60
CA GLN B 6 10.13 -2.56 15.06
CA GLN B 6 10.12 -2.56 15.09
C GLN B 6 8.87 -2.33 14.25
N GLN B 7 8.01 -1.43 14.70
CA GLN B 7 6.75 -1.16 14.01
CA GLN B 7 6.78 -1.23 13.96
C GLN B 7 7.03 -0.51 12.65
N GLN B 8 8.08 0.31 12.57
CA GLN B 8 8.47 0.90 11.31
C GLN B 8 8.86 -0.20 10.32
N ASN B 9 9.56 -1.21 10.82
CA ASN B 9 9.92 -2.32 9.97
C ASN B 9 8.67 -3.11 9.55
N ASN B 10 7.74 -3.29 10.47
CA ASN B 10 6.48 -3.98 10.14
C ASN B 10 5.77 -3.27 9.00
N LEU B 11 5.67 -1.96 9.10
CA LEU B 11 4.95 -1.19 8.07
C LEU B 11 5.67 -1.27 6.72
N LEU B 12 7.00 -1.19 6.75
CA LEU B 12 7.81 -1.33 5.55
C LEU B 12 7.53 -2.68 4.90
N ARG B 13 7.51 -3.73 5.73
CA ARG B 13 7.26 -5.08 5.22
C ARG B 13 5.87 -5.19 4.62
N ALA B 14 4.88 -4.56 5.23
CA ALA B 14 3.52 -4.60 4.70
C ALA B 14 3.46 -3.90 3.35
N ILE B 15 4.09 -2.73 3.24
CA ILE B 15 4.11 -1.99 1.99
C ILE B 15 4.80 -2.81 0.89
N GLU B 16 5.88 -3.51 1.23
CA GLU B 16 6.58 -4.31 0.24
C GLU B 16 5.70 -5.46 -0.26
N ALA B 17 4.99 -6.12 0.66
CA ALA B 17 4.07 -7.21 0.29
C ALA B 17 2.96 -6.66 -0.61
N GLN B 18 2.43 -5.51 -0.23
CA GLN B 18 1.42 -4.82 -1.03
C GLN B 18 1.92 -4.57 -2.45
N GLN B 19 3.20 -4.22 -2.58
CA GLN B 19 3.79 -3.93 -3.88
C GLN B 19 3.83 -5.20 -4.73
N HIS B 20 4.14 -6.33 -4.11
CA HIS B 20 4.13 -7.60 -4.83
C HIS B 20 2.74 -7.93 -5.35
N LEU B 21 1.72 -7.68 -4.51
CA LEU B 21 0.35 -7.86 -4.95
C LEU B 21 0.00 -6.93 -6.11
N LEU B 22 0.41 -5.67 -6.02
CA LEU B 22 0.18 -4.70 -7.09
C LEU B 22 0.78 -5.17 -8.41
N GLN B 23 1.99 -5.71 -8.34
CA GLN B 23 2.69 -6.22 -9.52
C GLN B 23 1.88 -7.34 -10.17
N LEU B 24 1.29 -8.20 -9.35
CA LEU B 24 0.46 -9.29 -9.86
C LEU B 24 -0.83 -8.80 -10.50
N THR B 25 -1.46 -7.77 -9.93
CA THR B 25 -2.69 -7.26 -10.53
C THR B 25 -2.39 -6.59 -11.87
N VAL B 26 -1.25 -5.92 -11.97
CA VAL B 26 -0.81 -5.34 -13.25
C VAL B 26 -0.63 -6.42 -14.30
N TRP B 27 0.02 -7.52 -13.94
CA TRP B 27 0.22 -8.64 -14.86
C TRP B 27 -1.12 -9.16 -15.37
N GLY B 28 -2.07 -9.38 -14.45
CA GLY B 28 -3.37 -9.90 -14.79
C GLY B 28 -4.12 -8.99 -15.74
N ILE B 29 -4.06 -7.69 -15.47
CA ILE B 29 -4.74 -6.72 -16.31
C ILE B 29 -4.14 -6.71 -17.70
N LYS B 30 -2.82 -6.77 -17.79
CA LYS B 30 -2.16 -6.82 -19.09
C LYS B 30 -2.54 -8.07 -19.87
N GLN B 31 -2.64 -9.21 -19.19
CA GLN B 31 -3.04 -10.45 -19.85
C GLN B 31 -4.43 -10.32 -20.48
N LEU B 32 -5.36 -9.76 -19.71
CA LEU B 32 -6.73 -9.59 -20.17
C LEU B 32 -6.81 -8.59 -21.31
N GLN B 33 -6.03 -7.52 -21.20
CA GLN B 33 -5.98 -6.50 -22.24
C GLN B 33 -5.56 -7.14 -23.56
N ALA B 34 -4.52 -7.97 -23.51
CA ALA B 34 -3.94 -8.58 -24.71
C ALA B 34 -4.95 -9.47 -25.40
N ARG B 35 -5.84 -10.07 -24.62
CA ARG B 35 -6.83 -11.00 -25.16
C ARG B 35 -8.04 -10.27 -25.71
N ILE B 36 -8.40 -9.17 -25.05
CA ILE B 36 -9.62 -8.44 -25.38
C ILE B 36 -9.38 -7.35 -26.41
N LEU B 37 -8.16 -6.81 -26.41
CA LEU B 37 -7.74 -5.86 -27.43
C LEU B 37 -6.60 -6.45 -28.26
C ACE C 1 5.17 9.65 20.89
O ACE C 1 4.91 8.84 20.01
CH3 ACE C 1 6.60 9.81 21.39
N SER C 2 4.26 10.44 21.47
CA SER C 2 2.83 10.32 21.18
C SER C 2 2.50 10.55 19.71
N GLY C 3 3.11 11.57 19.10
CA GLY C 3 2.88 11.88 17.69
C GLY C 3 3.45 10.85 16.74
N ILE C 4 4.57 10.24 17.12
CA ILE C 4 5.21 9.21 16.32
C ILE C 4 4.37 7.94 16.35
N VAL C 5 3.90 7.57 17.53
CA VAL C 5 3.02 6.42 17.67
C VAL C 5 1.71 6.64 16.91
N GLN C 6 1.17 7.86 17.00
CA GLN C 6 -0.07 8.18 16.31
C GLN C 6 0.14 8.03 14.81
N GLN C 7 1.28 8.48 14.30
CA GLN C 7 1.53 8.40 12.87
CA GLN C 7 1.47 8.39 12.86
C GLN C 7 1.67 6.94 12.43
N GLN C 8 2.19 6.07 13.30
CA GLN C 8 2.29 4.66 12.96
C GLN C 8 0.90 4.09 12.81
N ASN C 9 -0.04 4.53 13.66
CA ASN C 9 -1.42 4.11 13.53
C ASN C 9 -2.01 4.61 12.21
N ASN C 10 -1.77 5.87 11.89
CA ASN C 10 -2.26 6.43 10.63
C ASN C 10 -1.76 5.63 9.42
N LEU C 11 -0.46 5.32 9.39
CA LEU C 11 0.11 4.61 8.25
C LEU C 11 -0.42 3.18 8.18
N LEU C 12 -0.58 2.53 9.32
CA LEU C 12 -1.19 1.21 9.37
C LEU C 12 -2.61 1.24 8.80
N ARG C 13 -3.41 2.23 9.20
CA ARG C 13 -4.77 2.35 8.69
C ARG C 13 -4.79 2.58 7.19
N ALA C 14 -3.84 3.36 6.68
CA ALA C 14 -3.76 3.58 5.23
C ALA C 14 -3.49 2.28 4.49
N ILE C 15 -2.53 1.51 5.00
CA ILE C 15 -2.14 0.27 4.35
C ILE C 15 -3.31 -0.72 4.40
N GLU C 16 -4.02 -0.76 5.52
CA GLU C 16 -5.18 -1.65 5.64
C GLU C 16 -6.26 -1.26 4.64
N ALA C 17 -6.50 0.04 4.50
CA ALA C 17 -7.53 0.53 3.58
C ALA C 17 -7.13 0.21 2.14
N GLN C 18 -5.86 0.42 1.80
CA GLN C 18 -5.36 0.09 0.48
C GLN C 18 -5.43 -1.41 0.18
N GLN C 19 -5.28 -2.24 1.21
CA GLN C 19 -5.40 -3.68 1.03
C GLN C 19 -6.82 -4.07 0.65
N HIS C 20 -7.81 -3.37 1.21
CA HIS C 20 -9.20 -3.60 0.79
C HIS C 20 -9.39 -3.25 -0.67
N LEU C 21 -8.81 -2.13 -1.09
CA LEU C 21 -8.91 -1.70 -2.48
C LEU C 21 -8.24 -2.74 -3.38
N LEU C 22 -7.08 -3.21 -2.95
CA LEU C 22 -6.34 -4.22 -3.71
C LEU C 22 -7.18 -5.49 -3.88
N GLN C 23 -7.87 -5.93 -2.81
CA GLN C 23 -8.71 -7.11 -2.90
C GLN C 23 -9.87 -6.91 -3.87
N LEU C 24 -10.41 -5.70 -3.92
CA LEU C 24 -11.44 -5.40 -4.91
C LEU C 24 -10.90 -5.50 -6.33
N THR C 25 -9.66 -5.08 -6.56
CA THR C 25 -9.10 -5.17 -7.90
C THR C 25 -8.85 -6.63 -8.28
N VAL C 26 -8.40 -7.45 -7.32
CA VAL C 26 -8.25 -8.89 -7.57
C VAL C 26 -9.61 -9.51 -7.95
N TRP C 27 -10.67 -9.14 -7.24
CA TRP C 27 -12.02 -9.64 -7.56
C TRP C 27 -12.39 -9.28 -8.98
N GLY C 28 -12.09 -8.04 -9.36
CA GLY C 28 -12.44 -7.54 -10.67
C GLY C 28 -11.70 -8.27 -11.79
N ILE C 29 -10.41 -8.52 -11.56
CA ILE C 29 -9.63 -9.27 -12.53
C ILE C 29 -10.20 -10.67 -12.69
N LYS C 30 -10.56 -11.32 -11.59
CA LYS C 30 -11.13 -12.66 -11.62
C LYS C 30 -12.49 -12.67 -12.31
N GLN C 31 -13.29 -11.63 -12.07
CA GLN C 31 -14.59 -11.51 -12.72
C GLN C 31 -14.43 -11.44 -14.24
N LEU C 32 -13.50 -10.61 -14.71
CA LEU C 32 -13.25 -10.46 -16.13
C LEU C 32 -12.65 -11.72 -16.73
N GLN C 33 -11.78 -12.37 -15.98
CA GLN C 33 -11.12 -13.57 -16.45
C GLN C 33 -12.17 -14.66 -16.70
N ALA C 34 -13.18 -14.74 -15.83
CA ALA C 34 -14.18 -15.79 -15.93
C ALA C 34 -15.09 -15.60 -17.14
N ARG C 35 -15.16 -14.38 -17.65
CA ARG C 35 -15.98 -14.12 -18.83
C ARG C 35 -15.19 -14.29 -20.11
N ILE C 36 -14.03 -13.64 -20.16
CA ILE C 36 -13.22 -13.65 -21.36
C ILE C 36 -12.75 -15.06 -21.73
N LEU C 37 -12.25 -15.77 -20.74
CA LEU C 37 -11.67 -17.08 -20.96
C LEU C 37 -12.44 -18.14 -20.18
C ACE D 1 -22.41 -11.28 -7.26
O ACE D 1 -23.44 -10.68 -7.54
CH3 ACE D 1 -22.31 -12.78 -7.48
N MET D 2 -21.34 -10.68 -6.74
CA MET D 2 -21.33 -9.24 -6.54
C MET D 2 -21.45 -8.56 -7.89
N THR D 3 -22.24 -7.49 -7.93
CA THR D 3 -22.43 -6.75 -9.16
C THR D 3 -21.31 -5.75 -9.32
N TRP D 4 -21.09 -5.33 -10.55
CA TRP D 4 -20.14 -4.26 -10.81
C TRP D 4 -20.61 -2.94 -10.16
N GLU D 5 -21.91 -2.77 -10.01
CA GLU D 5 -22.44 -1.58 -9.33
C GLU D 5 -21.96 -1.49 -7.88
N THR D 6 -22.03 -2.60 -7.17
CA THR D 6 -21.52 -2.66 -5.81
C THR D 6 -20.01 -2.51 -5.81
N TRP D 7 -19.34 -3.20 -6.73
CA TRP D 7 -17.89 -3.11 -6.83
C TRP D 7 -17.48 -1.64 -6.93
N GLU D 8 -18.16 -0.89 -7.80
CA GLU D 8 -17.86 0.52 -8.02
C GLU D 8 -18.08 1.32 -6.75
N ARG D 9 -19.21 1.09 -6.09
CA ARG D 9 -19.50 1.79 -4.86
C ARG D 9 -18.41 1.50 -3.82
N GLU D 10 -18.00 0.24 -3.72
CA GLU D 10 -16.96 -0.15 -2.76
C GLU D 10 -15.63 0.53 -3.07
N ILE D 11 -15.24 0.52 -4.34
CA ILE D 11 -14.05 1.25 -4.80
C ILE D 11 -14.10 2.72 -4.37
N GLU D 12 -15.23 3.38 -4.62
CA GLU D 12 -15.35 4.80 -4.31
C GLU D 12 -15.26 5.03 -2.81
N ASN D 13 -15.90 4.16 -2.04
CA ASN D 13 -15.90 4.27 -0.58
CA ASN D 13 -15.90 4.27 -0.58
C ASN D 13 -14.51 4.13 0.00
N TYR D 14 -13.83 3.03 -0.34
CA TYR D 14 -12.47 2.82 0.16
C TYR D 14 -11.52 3.91 -0.32
N THR D 15 -11.70 4.36 -1.55
CA THR D 15 -10.85 5.44 -2.07
C THR D 15 -11.08 6.70 -1.23
N LYS D 16 -12.34 7.01 -0.93
CA LYS D 16 -12.66 8.19 -0.12
C LYS D 16 -12.01 8.07 1.25
N GLN D 17 -12.12 6.89 1.84
CA GLN D 17 -11.54 6.67 3.17
C GLN D 17 -10.02 6.77 3.14
N ILE D 18 -9.39 6.18 2.12
CA ILE D 18 -7.94 6.28 1.99
C ILE D 18 -7.49 7.75 1.93
N TYR D 19 -8.17 8.57 1.14
CA TYR D 19 -7.75 9.96 1.05
C TYR D 19 -7.94 10.69 2.39
N LYS D 20 -8.98 10.35 3.14
CA LYS D 20 -9.14 10.90 4.47
C LYS D 20 -7.95 10.54 5.34
N ILE D 21 -7.54 9.28 5.31
CA ILE D 21 -6.42 8.81 6.11
C ILE D 21 -5.11 9.47 5.66
N LEU D 22 -4.93 9.62 4.34
CA LEU D 22 -3.75 10.29 3.82
C LEU D 22 -3.68 11.75 4.28
N GLU D 23 -4.84 12.42 4.33
CA GLU D 23 -4.88 13.79 4.82
C GLU D 23 -4.48 13.84 6.30
N GLU D 24 -5.02 12.93 7.09
CA GLU D 24 -4.65 12.85 8.50
C GLU D 24 -3.16 12.59 8.64
N SER D 25 -2.65 11.69 7.82
CA SER D 25 -1.24 11.34 7.88
C SER D 25 -0.34 12.51 7.50
N GLN D 26 -0.75 13.29 6.50
N GLN D 26 -0.75 13.29 6.50
CA GLN D 26 -0.01 14.47 6.13
CA GLN D 26 -0.03 14.49 6.12
C GLN D 26 -0.03 15.50 7.27
C GLN D 26 -0.03 15.47 7.29
N GLU D 27 -1.19 15.65 7.90
CA GLU D 27 -1.34 16.60 9.01
C GLU D 27 -0.48 16.19 10.20
N GLN D 28 -0.40 14.89 10.46
CA GLN D 28 0.39 14.41 11.58
C GLN D 28 1.88 14.49 11.27
N GLN D 29 2.24 14.23 10.02
CA GLN D 29 3.63 14.37 9.59
C GLN D 29 4.05 15.82 9.78
N ASP D 30 3.15 16.73 9.41
CA ASP D 30 3.33 18.16 9.61
C ASP D 30 3.62 18.49 11.08
N ARG D 31 2.74 18.03 11.97
CA ARG D 31 2.91 18.24 13.41
C ARG D 31 4.26 17.69 13.89
N ASN D 32 4.59 16.48 13.45
CA ASN D 32 5.79 15.82 13.95
C ASN D 32 7.06 16.52 13.49
N GLU D 33 7.07 16.98 12.25
CA GLU D 33 8.22 17.68 11.71
C GLU D 33 8.36 19.03 12.39
N LYS D 34 7.24 19.72 12.58
CA LYS D 34 7.26 21.00 13.30
C LYS D 34 7.79 20.80 14.72
N ASP D 35 7.28 19.78 15.41
CA ASP D 35 7.66 19.52 16.80
C ASP D 35 9.16 19.23 16.90
N LEU D 36 9.69 18.51 15.92
CA LEU D 36 11.10 18.12 15.90
C LEU D 36 12.02 19.32 15.67
N LEU D 37 11.65 20.16 14.71
CA LEU D 37 12.48 21.31 14.32
C LEU D 37 12.59 22.31 15.47
N GLU D 38 11.46 22.58 16.12
CA GLU D 38 11.45 23.49 17.26
C GLU D 38 12.10 22.87 18.49
C ACE E 1 -6.13 10.43 -20.44
O ACE E 1 -5.02 10.67 -19.98
CH3 ACE E 1 -7.18 11.52 -20.58
N MET E 2 -6.48 9.21 -20.82
CA MET E 2 -5.59 8.07 -20.68
C MET E 2 -5.86 7.03 -21.77
N THR E 3 -4.78 6.46 -22.29
CA THR E 3 -4.86 5.33 -23.22
C THR E 3 -4.08 4.16 -22.63
N TRP E 4 -4.21 2.98 -23.22
CA TRP E 4 -3.46 1.85 -22.71
C TRP E 4 -1.96 2.10 -22.75
N GLU E 5 -1.51 2.88 -23.73
CA GLU E 5 -0.09 3.19 -23.86
C GLU E 5 0.39 4.10 -22.72
N THR E 6 -0.39 5.14 -22.40
CA THR E 6 0.03 6.04 -21.32
C THR E 6 -0.16 5.38 -19.95
N TRP E 7 -1.15 4.51 -19.84
CA TRP E 7 -1.37 3.69 -18.63
C TRP E 7 -0.11 2.90 -18.32
N GLU E 8 0.40 2.17 -19.31
CA GLU E 8 1.57 1.32 -19.12
C GLU E 8 2.78 2.13 -18.67
N ARG E 9 3.01 3.27 -19.31
CA ARG E 9 4.15 4.10 -18.96
C ARG E 9 3.98 4.69 -17.55
N GLU E 10 2.76 5.03 -17.17
CA GLU E 10 2.52 5.55 -15.83
C GLU E 10 2.74 4.46 -14.77
N ILE E 11 2.31 3.23 -15.06
CA ILE E 11 2.59 2.12 -14.17
C ILE E 11 4.10 1.98 -13.94
N GLU E 12 4.87 2.06 -15.03
CA GLU E 12 6.32 1.93 -14.95
CA GLU E 12 6.32 1.93 -14.95
C GLU E 12 6.93 3.08 -14.14
N ASN E 13 6.47 4.30 -14.42
CA ASN E 13 6.93 5.48 -13.71
CA ASN E 13 6.95 5.48 -13.71
C ASN E 13 6.76 5.34 -12.21
N TYR E 14 5.54 5.07 -11.76
CA TYR E 14 5.27 4.96 -10.34
C TYR E 14 5.95 3.76 -9.69
N THR E 15 6.11 2.67 -10.44
CA THR E 15 6.81 1.51 -9.90
C THR E 15 8.27 1.87 -9.61
N LYS E 16 8.92 2.54 -10.55
CA LYS E 16 10.31 2.98 -10.32
C LYS E 16 10.40 3.95 -9.13
N GLN E 17 9.43 4.85 -9.02
CA GLN E 17 9.39 5.77 -7.89
C GLN E 17 9.31 5.01 -6.57
N ILE E 18 8.45 4.01 -6.51
CA ILE E 18 8.24 3.25 -5.30
C ILE E 18 9.48 2.45 -4.91
N TYR E 19 10.13 1.84 -5.90
CA TYR E 19 11.35 1.09 -5.63
C TYR E 19 12.38 2.02 -5.01
N LYS E 20 12.46 3.23 -5.54
CA LYS E 20 13.42 4.19 -5.06
C LYS E 20 13.09 4.60 -3.63
N ILE E 21 11.82 4.89 -3.36
CA ILE E 21 11.40 5.30 -2.04
C ILE E 21 11.61 4.18 -1.01
N LEU E 22 11.35 2.94 -1.41
CA LEU E 22 11.47 1.83 -0.47
C LEU E 22 12.93 1.49 -0.22
N GLU E 23 13.79 1.68 -1.22
CA GLU E 23 15.22 1.51 -1.04
C GLU E 23 15.74 2.53 -0.04
N GLU E 24 15.31 3.77 -0.21
CA GLU E 24 15.68 4.82 0.74
C GLU E 24 15.14 4.44 2.13
N SER E 25 13.93 3.88 2.18
CA SER E 25 13.32 3.53 3.45
C SER E 25 14.08 2.40 4.15
N GLN E 26 14.61 1.47 3.37
CA GLN E 26 15.42 0.39 3.92
C GLN E 26 16.68 0.98 4.55
N GLU E 27 17.34 1.88 3.82
CA GLU E 27 18.55 2.52 4.32
C GLU E 27 18.27 3.27 5.61
N GLN E 28 17.13 3.94 5.67
CA GLN E 28 16.71 4.62 6.89
C GLN E 28 16.40 3.64 8.03
N GLN E 29 15.84 2.48 7.69
CA GLN E 29 15.58 1.49 8.71
C GLN E 29 16.91 1.05 9.35
N ASP E 30 17.91 0.82 8.52
CA ASP E 30 19.24 0.42 8.99
C ASP E 30 19.79 1.44 9.97
N ARG E 31 19.66 2.72 9.60
CA ARG E 31 20.19 3.80 10.43
C ARG E 31 19.46 3.91 11.75
N ASN E 32 18.15 3.74 11.71
CA ASN E 32 17.37 3.88 12.93
C ASN E 32 17.67 2.74 13.90
N GLU E 33 17.93 1.56 13.35
CA GLU E 33 18.25 0.42 14.18
C GLU E 33 19.63 0.57 14.82
N LYS E 34 20.58 1.17 14.09
CA LYS E 34 21.90 1.43 14.64
CA LYS E 34 21.89 1.44 14.64
C LYS E 34 21.84 2.56 15.67
N ASP E 35 21.02 3.57 15.41
CA ASP E 35 20.85 4.69 16.34
C ASP E 35 20.28 4.20 17.67
N LEU E 36 19.43 3.18 17.60
CA LEU E 36 18.69 2.71 18.77
C LEU E 36 19.63 2.22 19.88
N LEU E 37 20.89 1.98 19.55
CA LEU E 37 21.87 1.55 20.54
C LEU E 37 22.56 2.73 21.24
N GLU E 38 22.17 3.94 20.87
CA GLU E 38 22.95 5.12 21.23
C GLU E 38 22.06 6.28 21.68
C ACE F 1 5.46 -17.67 -16.82
O ACE F 1 5.00 -18.81 -16.70
CH3 ACE F 1 6.70 -17.42 -17.66
N MET F 2 4.91 -16.62 -16.24
CA MET F 2 3.73 -16.74 -15.39
C MET F 2 2.50 -17.16 -16.20
N THR F 3 1.57 -17.83 -15.52
CA THR F 3 0.31 -18.23 -16.12
C THR F 3 -0.77 -18.00 -15.06
N TRP F 4 -2.03 -18.24 -15.42
CA TRP F 4 -3.13 -17.91 -14.51
C TRP F 4 -3.16 -18.78 -13.26
N GLU F 5 -2.68 -20.02 -13.37
CA GLU F 5 -2.60 -20.90 -12.21
C GLU F 5 -1.59 -20.41 -11.20
N THR F 6 -0.39 -20.08 -11.66
CA THR F 6 0.66 -19.57 -10.79
C THR F 6 0.29 -18.18 -10.25
N TRP F 7 -0.32 -17.36 -11.11
CA TRP F 7 -0.82 -16.06 -10.68
C TRP F 7 -1.75 -16.24 -9.48
N GLU F 8 -2.71 -17.15 -9.60
CA GLU F 8 -3.65 -17.41 -8.51
C GLU F 8 -2.92 -17.84 -7.25
N ARG F 9 -1.87 -18.64 -7.41
CA ARG F 9 -1.10 -19.13 -6.27
C ARG F 9 -0.32 -18.00 -5.60
N GLU F 10 0.24 -17.12 -6.40
CA GLU F 10 1.01 -16.01 -5.84
C GLU F 10 0.07 -15.00 -5.19
N ILE F 11 -1.10 -14.77 -5.78
CA ILE F 11 -2.09 -13.91 -5.14
C ILE F 11 -2.41 -14.43 -3.74
N GLU F 12 -2.69 -15.72 -3.62
CA GLU F 12 -3.03 -16.30 -2.34
C GLU F 12 -1.86 -16.18 -1.37
N ASN F 13 -0.65 -16.42 -1.86
CA ASN F 13 0.54 -16.40 -1.01
C ASN F 13 0.83 -15.02 -0.44
N TYR F 14 0.81 -14.00 -1.28
CA TYR F 14 1.08 -12.65 -0.79
C TYR F 14 -0.08 -12.10 0.03
N THR F 15 -1.29 -12.51 -0.30
CA THR F 15 -2.45 -12.12 0.48
C THR F 15 -2.33 -12.64 1.93
N LYS F 16 -1.94 -13.89 2.10
CA LYS F 16 -1.73 -14.45 3.44
C LYS F 16 -0.56 -13.75 4.13
N GLN F 17 0.51 -13.54 3.38
CA GLN F 17 1.70 -12.85 3.85
C GLN F 17 1.32 -11.49 4.44
N ILE F 18 0.59 -10.68 3.67
CA ILE F 18 0.28 -9.35 4.15
C ILE F 18 -0.70 -9.40 5.33
N TYR F 19 -1.62 -10.35 5.36
CA TYR F 19 -2.56 -10.47 6.48
CA TYR F 19 -2.55 -10.38 6.48
C TYR F 19 -1.82 -10.74 7.78
N LYS F 20 -0.80 -11.60 7.71
CA LYS F 20 0.00 -11.93 8.88
C LYS F 20 0.79 -10.70 9.37
N ILE F 21 1.37 -9.95 8.43
CA ILE F 21 2.13 -8.76 8.79
C ILE F 21 1.24 -7.69 9.40
N LEU F 22 0.04 -7.51 8.84
CA LEU F 22 -0.89 -6.52 9.36
C LEU F 22 -1.36 -6.92 10.76
N GLU F 23 -1.54 -8.21 11.00
CA GLU F 23 -1.94 -8.69 12.32
C GLU F 23 -0.84 -8.38 13.33
N GLU F 24 0.40 -8.71 12.97
CA GLU F 24 1.56 -8.43 13.79
CA GLU F 24 1.52 -8.43 13.86
C GLU F 24 1.68 -6.93 14.07
N SER F 25 1.39 -6.13 13.05
CA SER F 25 1.47 -4.68 13.16
C SER F 25 0.44 -4.12 14.14
N GLN F 26 -0.77 -4.66 14.08
CA GLN F 26 -1.82 -4.25 14.99
C GLN F 26 -1.45 -4.59 16.42
N GLU F 27 -0.88 -5.78 16.62
CA GLU F 27 -0.49 -6.18 17.96
C GLU F 27 0.59 -5.24 18.48
N GLN F 28 1.59 -4.97 17.65
CA GLN F 28 2.66 -4.05 18.02
C GLN F 28 2.14 -2.63 18.29
N GLN F 29 1.15 -2.19 17.52
CA GLN F 29 0.58 -0.87 17.73
C GLN F 29 -0.04 -0.78 19.11
N ASP F 30 -0.88 -1.76 19.45
CA ASP F 30 -1.50 -1.80 20.77
C ASP F 30 -0.45 -1.84 21.89
N ARG F 31 0.62 -2.62 21.71
CA ARG F 31 1.69 -2.70 22.69
C ARG F 31 2.38 -1.36 22.87
N ASN F 32 2.68 -0.69 21.75
CA ASN F 32 3.33 0.61 21.83
C ASN F 32 2.47 1.66 22.52
N GLU F 33 1.16 1.62 22.28
CA GLU F 33 0.24 2.56 22.92
C GLU F 33 0.15 2.31 24.42
N LYS F 34 0.13 1.04 24.81
CA LYS F 34 0.10 0.68 26.23
C LYS F 34 1.39 1.13 26.91
N ASP F 35 2.52 0.84 26.28
CA ASP F 35 3.82 1.20 26.84
C ASP F 35 3.96 2.71 26.99
N LEU F 36 3.43 3.45 26.02
CA LEU F 36 3.50 4.89 26.08
C LEU F 36 2.70 5.44 27.25
N LEU F 37 1.52 4.89 27.47
CA LEU F 37 0.67 5.38 28.53
C LEU F 37 1.26 5.01 29.89
N GLU F 38 1.65 3.75 30.04
CA GLU F 38 2.06 3.24 31.34
C GLU F 38 3.54 3.51 31.62
N NH2 F 39 4.21 4.14 30.67
#